data_6BMA
#
_entry.id   6BMA
#
_cell.length_a   148.181
_cell.length_b   148.181
_cell.length_c   149.947
_cell.angle_alpha   90.00
_cell.angle_beta   90.00
_cell.angle_gamma   120.00
#
_symmetry.space_group_name_H-M   'H 3 2'
#
loop_
_entity.id
_entity.type
_entity.pdbx_description
1 polymer 'Indole-3-glycerol phosphate synthase'
2 non-polymer 'POTASSIUM ION'
3 non-polymer 'CHLORIDE ION'
4 non-polymer 'PHOSPHATE ION'
5 non-polymer 1,2-ETHANEDIOL
6 non-polymer 'ACETATE ION'
7 non-polymer 'FORMIC ACID'
8 water water
#
_entity_poly.entity_id   1
_entity_poly.type   'polypeptide(L)'
_entity_poly.pdbx_seq_one_letter_code
;SNAMILDKIFEKTKEDLKERKLKLPYDMLGRSLASNPFFPKDVIKALKRVEKEVKIIAEVKKASPSKGVIREDFDPLSIA
LNYEKNKAAAISVLTEPHFFKGSLEYLSLIRRYTQIPLLRKDFIFDEYQILEALVYGADFVLLIAKMLSMKELKKLLEFA
RHLGLEALVEIHDKEDLSKAIFAGADIIGINHRNLEDFTMDMSLCEKLIPQIPNSKIIIAESGLENKEFLEHLQNLGVDA
FLIGEYFMREKDEGKALKALL
;
_entity_poly.pdbx_strand_id   A,B
#
loop_
_chem_comp.id
_chem_comp.type
_chem_comp.name
_chem_comp.formula
ACT non-polymer 'ACETATE ION' 'C2 H3 O2 -1'
CL non-polymer 'CHLORIDE ION' 'Cl -1'
EDO non-polymer 1,2-ETHANEDIOL 'C2 H6 O2'
FMT non-polymer 'FORMIC ACID' 'C H2 O2'
K non-polymer 'POTASSIUM ION' 'K 1'
PO4 non-polymer 'PHOSPHATE ION' 'O4 P -3'
#
# COMPACT_ATOMS: atom_id res chain seq x y z
N ALA A 3 -33.02 -13.29 3.38
CA ALA A 3 -32.34 -14.31 2.60
C ALA A 3 -30.80 -14.19 2.63
N MET A 4 -30.31 -13.26 3.45
CA MET A 4 -28.88 -13.10 3.74
C MET A 4 -28.03 -13.02 2.47
N ILE A 5 -28.41 -12.09 1.58
CA ILE A 5 -27.70 -11.93 0.31
C ILE A 5 -26.26 -11.49 0.55
N LEU A 6 -26.07 -10.52 1.43
CA LEU A 6 -24.72 -10.00 1.70
C LEU A 6 -23.79 -11.11 2.15
N ASP A 7 -24.29 -12.02 3.00
CA ASP A 7 -23.48 -13.15 3.45
C ASP A 7 -23.07 -14.04 2.29
N LYS A 8 -24.02 -14.34 1.39
CA LYS A 8 -23.71 -15.14 0.21
C LYS A 8 -22.65 -14.47 -0.67
N ILE A 9 -22.80 -13.16 -0.90
CA ILE A 9 -21.85 -12.46 -1.77
C ILE A 9 -20.46 -12.45 -1.14
N PHE A 10 -20.39 -12.20 0.17
CA PHE A 10 -19.10 -12.19 0.86
C PHE A 10 -18.42 -13.56 0.73
N GLU A 11 -19.17 -14.63 0.94
CA GLU A 11 -18.60 -15.98 0.90
C GLU A 11 -18.04 -16.28 -0.49
N LYS A 12 -18.78 -15.93 -1.55
CA LYS A 12 -18.25 -16.12 -2.91
C LYS A 12 -17.02 -15.26 -3.16
N THR A 13 -17.05 -14.01 -2.71
CA THR A 13 -15.92 -13.12 -2.92
C THR A 13 -14.67 -13.65 -2.22
N LYS A 14 -14.85 -14.25 -1.03
CA LYS A 14 -13.73 -14.83 -0.30
C LYS A 14 -13.09 -15.98 -1.06
N GLU A 15 -13.90 -16.91 -1.55
CA GLU A 15 -13.33 -18.05 -2.27
C GLU A 15 -12.63 -17.61 -3.55
N ASP A 16 -13.22 -16.65 -4.27
CA ASP A 16 -12.56 -16.14 -5.46
C ASP A 16 -11.26 -15.40 -5.14
N LEU A 17 -11.18 -14.76 -3.97
CA LEU A 17 -9.99 -13.98 -3.64
C LEU A 17 -8.79 -14.90 -3.46
N LYS A 18 -8.99 -16.09 -2.88
CA LYS A 18 -7.92 -17.06 -2.76
C LYS A 18 -7.29 -17.36 -4.11
N GLU A 19 -8.12 -17.57 -5.14
CA GLU A 19 -7.59 -17.90 -6.46
C GLU A 19 -6.87 -16.72 -7.10
N ARG A 20 -7.43 -15.51 -6.96
CA ARG A 20 -6.76 -14.32 -7.49
C ARG A 20 -5.35 -14.16 -6.93
N LYS A 21 -5.19 -14.34 -5.62
CA LYS A 21 -3.87 -14.21 -5.00
C LYS A 21 -2.87 -15.24 -5.52
N LEU A 22 -3.34 -16.45 -5.83
CA LEU A 22 -2.43 -17.43 -6.43
C LEU A 22 -2.02 -17.01 -7.83
N LYS A 23 -2.92 -16.37 -8.58
CA LYS A 23 -2.57 -15.96 -9.93
C LYS A 23 -1.75 -14.68 -9.94
N LEU A 24 -1.93 -13.83 -8.94
CA LEU A 24 -1.19 -12.56 -8.87
C LEU A 24 -0.95 -12.27 -7.41
N PRO A 25 0.14 -12.81 -6.84
CA PRO A 25 0.44 -12.59 -5.42
C PRO A 25 0.62 -11.12 -5.08
N TYR A 26 0.51 -10.83 -3.77
CA TYR A 26 0.82 -9.50 -3.27
C TYR A 26 2.13 -8.97 -3.85
N ASP A 27 3.18 -9.80 -3.87
CA ASP A 27 4.50 -9.28 -4.25
C ASP A 27 4.65 -8.99 -5.74
N MET A 28 3.67 -9.36 -6.56
CA MET A 28 3.66 -8.96 -7.97
C MET A 28 2.64 -7.86 -8.24
N LEU A 29 1.56 -7.81 -7.48
CA LEU A 29 0.52 -6.81 -7.69
C LEU A 29 1.10 -5.40 -7.51
N GLY A 30 1.73 -5.16 -6.36
CA GLY A 30 2.23 -3.83 -6.07
C GLY A 30 3.51 -3.50 -6.82
N ARG A 31 4.48 -4.44 -6.83
CA ARG A 31 5.78 -4.12 -7.40
C ARG A 31 5.76 -3.99 -8.93
N SER A 32 4.79 -4.61 -9.61
CA SER A 32 4.85 -4.64 -11.06
C SER A 32 4.69 -3.25 -11.66
N LEU A 33 4.20 -2.29 -10.89
CA LEU A 33 4.04 -0.92 -11.32
C LEU A 33 5.17 -0.01 -10.84
N ALA A 34 6.15 -0.53 -10.09
CA ALA A 34 7.44 0.13 -9.98
C ALA A 34 8.17 -0.01 -11.30
N SER A 35 9.42 0.47 -11.38
CA SER A 35 10.01 0.52 -12.71
C SER A 35 11.06 -0.57 -12.96
N ASN A 36 10.78 -1.82 -12.59
CA ASN A 36 11.66 -2.91 -12.98
C ASN A 36 11.78 -2.95 -14.50
N PRO A 37 12.99 -3.10 -15.04
CA PRO A 37 13.10 -3.23 -16.50
C PRO A 37 12.31 -4.40 -17.05
N PHE A 38 12.16 -5.47 -16.27
CA PHE A 38 11.42 -6.63 -16.76
C PHE A 38 10.37 -7.06 -15.74
N PHE A 39 10.74 -7.86 -14.74
CA PHE A 39 9.75 -8.34 -13.80
C PHE A 39 10.35 -8.39 -12.40
N PRO A 40 9.54 -8.19 -11.35
CA PRO A 40 10.10 -8.17 -9.99
C PRO A 40 10.67 -9.52 -9.61
N LYS A 41 11.71 -9.48 -8.77
CA LYS A 41 12.46 -10.68 -8.39
C LYS A 41 12.06 -11.14 -6.98
N ASP A 42 12.24 -12.43 -6.74
CA ASP A 42 11.89 -13.07 -5.48
C ASP A 42 12.99 -12.79 -4.44
N VAL A 43 12.68 -11.98 -3.43
CA VAL A 43 13.67 -11.60 -2.43
C VAL A 43 14.17 -12.83 -1.67
N ILE A 44 13.26 -13.72 -1.25
CA ILE A 44 13.67 -14.83 -0.38
C ILE A 44 14.59 -15.78 -1.14
N LYS A 45 14.23 -16.10 -2.38
CA LYS A 45 15.05 -17.00 -3.18
C LYS A 45 16.43 -16.39 -3.44
N ALA A 46 16.46 -15.08 -3.65
CA ALA A 46 17.74 -14.40 -3.85
C ALA A 46 18.65 -14.56 -2.65
N LEU A 47 18.10 -14.57 -1.42
CA LEU A 47 18.96 -14.53 -0.24
C LEU A 47 19.17 -15.91 0.41
N LYS A 48 18.36 -16.90 0.07
CA LYS A 48 18.44 -18.20 0.70
C LYS A 48 19.66 -18.96 0.19
N ARG A 49 20.58 -19.31 1.09
CA ARG A 49 21.74 -20.10 0.71
C ARG A 49 21.32 -21.55 0.51
N VAL A 50 21.69 -22.14 -0.62
CA VAL A 50 21.28 -23.50 -0.94
C VAL A 50 22.37 -24.51 -0.58
N GLU A 51 23.63 -24.21 -0.91
CA GLU A 51 24.75 -25.04 -0.48
C GLU A 51 25.76 -24.20 0.29
N LYS A 52 26.90 -23.91 -0.33
CA LYS A 52 27.93 -23.10 0.30
C LYS A 52 28.19 -21.80 -0.45
N GLU A 53 27.34 -21.45 -1.41
CA GLU A 53 27.56 -20.25 -2.21
C GLU A 53 27.47 -19.00 -1.35
N VAL A 54 28.22 -17.97 -1.73
CA VAL A 54 28.31 -16.75 -0.95
C VAL A 54 27.31 -15.74 -1.51
N LYS A 55 26.27 -15.46 -0.73
CA LYS A 55 25.26 -14.47 -1.08
C LYS A 55 25.59 -13.17 -0.35
N ILE A 56 25.77 -12.09 -1.11
CA ILE A 56 26.18 -10.81 -0.56
C ILE A 56 25.16 -9.76 -0.98
N ILE A 57 24.58 -9.07 -0.02
CA ILE A 57 23.81 -7.87 -0.30
C ILE A 57 24.82 -6.73 -0.31
N ALA A 58 25.12 -6.21 -1.49
CA ALA A 58 26.18 -5.22 -1.63
C ALA A 58 25.59 -3.81 -1.51
N GLU A 59 26.22 -2.97 -0.71
CA GLU A 59 25.60 -1.72 -0.29
C GLU A 59 26.20 -0.49 -0.98
N VAL A 60 25.32 0.36 -1.50
CA VAL A 60 25.70 1.63 -2.13
C VAL A 60 25.67 2.69 -1.03
N LYS A 61 26.84 3.05 -0.52
CA LYS A 61 26.97 3.88 0.68
C LYS A 61 28.10 4.89 0.50
N LYS A 62 27.75 6.17 0.48
CA LYS A 62 28.78 7.20 0.32
C LYS A 62 29.46 7.55 1.64
N ALA A 63 28.71 7.54 2.74
CA ALA A 63 29.21 8.05 4.00
C ALA A 63 28.57 7.27 5.14
N SER A 64 29.14 7.44 6.33
CA SER A 64 28.56 6.85 7.53
C SER A 64 28.69 7.84 8.67
N PRO A 65 27.79 7.76 9.66
CA PRO A 65 27.91 8.67 10.83
C PRO A 65 29.23 8.55 11.54
N SER A 66 29.78 7.34 11.70
CA SER A 66 31.02 7.20 12.45
C SER A 66 32.25 7.54 11.62
N LYS A 67 32.23 7.25 10.33
CA LYS A 67 33.43 7.40 9.51
C LYS A 67 33.38 8.63 8.61
N GLY A 68 32.24 9.33 8.52
CA GLY A 68 32.19 10.41 7.56
C GLY A 68 32.12 9.86 6.15
N VAL A 69 32.59 10.67 5.19
CA VAL A 69 32.58 10.24 3.80
C VAL A 69 33.51 9.05 3.62
N ILE A 70 32.98 7.98 3.03
CA ILE A 70 33.74 6.77 2.77
C ILE A 70 34.31 6.77 1.36
N ARG A 71 33.57 7.31 0.40
CA ARG A 71 34.01 7.36 -0.98
C ARG A 71 33.71 8.74 -1.54
N GLU A 72 34.77 9.49 -1.87
CA GLU A 72 34.59 10.87 -2.30
C GLU A 72 34.02 10.95 -3.71
N ASP A 73 34.42 10.02 -4.59
CA ASP A 73 33.95 10.01 -5.98
C ASP A 73 32.85 8.97 -6.11
N PHE A 74 31.63 9.40 -5.79
CA PHE A 74 30.51 8.50 -5.56
C PHE A 74 29.55 8.53 -6.75
N ASP A 75 29.41 7.39 -7.45
CA ASP A 75 28.51 7.26 -8.60
C ASP A 75 27.59 6.08 -8.32
N PRO A 76 26.45 6.32 -7.66
CA PRO A 76 25.62 5.18 -7.19
C PRO A 76 25.17 4.25 -8.31
N LEU A 77 24.84 4.78 -9.50
CA LEU A 77 24.46 3.92 -10.60
C LEU A 77 25.61 3.01 -11.02
N SER A 78 26.80 3.61 -11.24
CA SER A 78 27.97 2.83 -11.61
C SER A 78 28.26 1.75 -10.58
N ILE A 79 28.21 2.10 -9.29
CA ILE A 79 28.43 1.13 -8.22
C ILE A 79 27.45 -0.03 -8.32
N ALA A 80 26.16 0.28 -8.48
CA ALA A 80 25.13 -0.76 -8.55
C ALA A 80 25.40 -1.71 -9.72
N LEU A 81 25.73 -1.17 -10.89
CA LEU A 81 25.98 -2.01 -12.07
C LEU A 81 27.17 -2.94 -11.84
N ASN A 82 28.25 -2.41 -11.25
CA ASN A 82 29.41 -3.22 -10.94
C ASN A 82 29.09 -4.31 -9.93
N TYR A 83 28.25 -3.99 -8.93
CA TYR A 83 27.80 -4.99 -7.97
C TYR A 83 27.05 -6.13 -8.67
N GLU A 84 26.07 -5.80 -9.50
CA GLU A 84 25.31 -6.85 -10.15
C GLU A 84 26.18 -7.63 -11.11
N LYS A 85 27.03 -6.92 -11.86
CA LYS A 85 27.98 -7.58 -12.76
C LYS A 85 28.84 -8.58 -12.04
N ASN A 86 29.20 -8.30 -10.79
CA ASN A 86 30.10 -9.17 -10.04
C ASN A 86 29.36 -10.09 -9.08
N LYS A 87 28.08 -10.38 -9.38
CA LYS A 87 27.30 -11.49 -8.82
C LYS A 87 26.81 -11.22 -7.40
N ALA A 88 26.52 -9.96 -7.09
CA ALA A 88 25.80 -9.66 -5.87
C ALA A 88 24.44 -10.35 -5.91
N ALA A 89 24.00 -10.84 -4.75
CA ALA A 89 22.67 -11.44 -4.67
C ALA A 89 21.58 -10.37 -4.63
N ALA A 90 21.90 -9.21 -4.08
CA ALA A 90 20.97 -8.09 -3.94
C ALA A 90 21.81 -6.84 -3.71
N ILE A 91 21.15 -5.69 -3.78
CA ILE A 91 21.81 -4.41 -3.63
C ILE A 91 21.08 -3.60 -2.56
N SER A 92 21.83 -3.09 -1.59
CA SER A 92 21.29 -2.20 -0.58
C SER A 92 21.60 -0.76 -1.01
N VAL A 93 20.58 0.08 -1.03
CA VAL A 93 20.73 1.48 -1.42
C VAL A 93 20.45 2.35 -0.20
N LEU A 94 21.48 3.01 0.32
CA LEU A 94 21.25 3.99 1.37
C LEU A 94 20.44 5.14 0.79
N THR A 95 19.29 5.42 1.38
CA THR A 95 18.48 6.56 0.96
C THR A 95 18.45 7.67 2.01
N GLU A 96 19.06 7.44 3.17
CA GLU A 96 19.12 8.47 4.20
C GLU A 96 20.07 9.59 3.76
N PRO A 97 19.61 10.84 3.75
CA PRO A 97 20.41 11.90 3.10
C PRO A 97 21.41 12.61 3.98
N HIS A 98 21.11 12.76 5.28
CA HIS A 98 21.89 13.70 6.08
C HIS A 98 23.16 13.10 6.64
N PHE A 99 23.11 11.84 7.06
CA PHE A 99 24.27 11.19 7.69
C PHE A 99 24.99 10.25 6.75
N PHE A 100 24.26 9.60 5.85
CA PHE A 100 24.81 8.65 4.91
C PHE A 100 24.98 9.23 3.51
N LYS A 101 24.50 10.44 3.28
CA LYS A 101 24.56 11.10 1.96
C LYS A 101 23.99 10.20 0.86
N GLY A 102 22.92 9.47 1.18
CA GLY A 102 22.16 8.76 0.18
C GLY A 102 21.02 9.61 -0.36
N SER A 103 20.17 8.98 -1.17
CA SER A 103 19.03 9.68 -1.75
C SER A 103 17.98 8.67 -2.19
N LEU A 104 16.71 9.00 -1.93
CA LEU A 104 15.64 8.15 -2.44
C LEU A 104 15.68 8.08 -3.97
N GLU A 105 16.14 9.15 -4.63
CA GLU A 105 16.23 9.14 -6.09
C GLU A 105 17.25 8.11 -6.58
N TYR A 106 18.30 7.83 -5.79
CA TYR A 106 19.27 6.80 -6.17
C TYR A 106 18.59 5.45 -6.35
N LEU A 107 17.62 5.16 -5.48
CA LEU A 107 16.92 3.88 -5.56
C LEU A 107 16.11 3.79 -6.85
N SER A 108 15.47 4.88 -7.25
CA SER A 108 14.70 4.90 -8.48
C SER A 108 15.60 4.79 -9.70
N LEU A 109 16.71 5.53 -9.71
CA LEU A 109 17.66 5.43 -10.81
C LEU A 109 18.24 4.03 -10.91
N ILE A 110 18.61 3.46 -9.78
CA ILE A 110 19.21 2.12 -9.78
C ILE A 110 18.19 1.07 -10.21
N ARG A 111 16.94 1.21 -9.77
CA ARG A 111 15.90 0.25 -10.14
C ARG A 111 15.81 0.05 -11.66
N ARG A 112 15.94 1.15 -12.42
CA ARG A 112 15.72 1.06 -13.86
C ARG A 112 16.79 0.25 -14.57
N TYR A 113 17.95 0.04 -13.96
CA TYR A 113 19.08 -0.59 -14.63
C TYR A 113 19.60 -1.82 -13.91
N THR A 114 18.79 -2.41 -13.02
CA THR A 114 19.22 -3.59 -12.28
C THR A 114 18.14 -4.67 -12.32
N GLN A 115 18.58 -5.92 -12.17
CA GLN A 115 17.69 -7.07 -12.25
C GLN A 115 17.87 -8.00 -11.05
N ILE A 116 18.28 -7.44 -9.92
CA ILE A 116 18.32 -8.18 -8.66
C ILE A 116 17.58 -7.35 -7.61
N PRO A 117 17.19 -7.98 -6.49
CA PRO A 117 16.39 -7.25 -5.50
C PRO A 117 17.16 -6.07 -4.92
N LEU A 118 16.40 -5.03 -4.56
CA LEU A 118 16.94 -3.80 -3.98
C LEU A 118 16.36 -3.60 -2.59
N LEU A 119 17.24 -3.26 -1.64
CA LEU A 119 16.84 -2.97 -0.26
C LEU A 119 16.87 -1.46 -0.05
N ARG A 120 15.75 -0.90 0.41
CA ARG A 120 15.81 0.49 0.86
C ARG A 120 16.38 0.52 2.27
N LYS A 121 17.59 1.04 2.40
CA LYS A 121 18.31 1.12 3.68
C LYS A 121 18.12 2.53 4.21
N ASP A 122 17.30 2.66 5.24
CA ASP A 122 16.91 3.95 5.78
C ASP A 122 16.35 3.72 7.18
N PHE A 123 15.79 4.77 7.77
CA PHE A 123 15.31 4.71 9.14
C PHE A 123 13.79 4.86 9.10
N ILE A 124 13.11 3.71 9.06
CA ILE A 124 11.70 3.61 8.70
C ILE A 124 10.88 3.38 9.95
N PHE A 125 9.86 4.22 10.13
CA PHE A 125 8.96 4.15 11.27
C PHE A 125 7.52 4.48 10.88
N ASP A 126 7.25 4.65 9.59
CA ASP A 126 5.95 5.15 9.16
C ASP A 126 5.57 4.53 7.81
N GLU A 127 4.27 4.28 7.63
CA GLU A 127 3.81 3.59 6.42
C GLU A 127 4.17 4.35 5.15
N TYR A 128 4.15 5.69 5.20
CA TYR A 128 4.49 6.50 4.05
C TYR A 128 5.85 6.10 3.47
N GLN A 129 6.83 5.87 4.34
CA GLN A 129 8.18 5.50 3.88
C GLN A 129 8.19 4.16 3.18
N ILE A 130 7.31 3.25 3.59
CA ILE A 130 7.23 1.96 2.92
C ILE A 130 6.49 2.08 1.59
N LEU A 131 5.46 2.94 1.51
CA LEU A 131 4.86 3.21 0.20
C LEU A 131 5.88 3.87 -0.74
N GLU A 132 6.69 4.81 -0.21
CA GLU A 132 7.80 5.35 -1.01
C GLU A 132 8.68 4.25 -1.55
N ALA A 133 9.10 3.34 -0.69
CA ALA A 133 9.97 2.24 -1.12
C ALA A 133 9.35 1.47 -2.26
N LEU A 134 8.05 1.15 -2.17
CA LEU A 134 7.38 0.45 -3.26
C LEU A 134 7.48 1.24 -4.55
N VAL A 135 7.06 2.50 -4.51
CA VAL A 135 6.95 3.33 -5.71
C VAL A 135 8.32 3.58 -6.32
N TYR A 136 9.36 3.73 -5.49
CA TYR A 136 10.68 4.05 -6.00
C TYR A 136 11.47 2.82 -6.43
N GLY A 137 10.95 1.63 -6.20
CA GLY A 137 11.51 0.42 -6.75
C GLY A 137 12.25 -0.51 -5.79
N ALA A 138 12.08 -0.34 -4.48
CA ALA A 138 12.64 -1.30 -3.54
C ALA A 138 11.85 -2.60 -3.54
N ASP A 139 12.54 -3.71 -3.28
CA ASP A 139 11.88 -5.00 -3.09
C ASP A 139 11.75 -5.38 -1.63
N PHE A 140 12.57 -4.79 -0.76
CA PHE A 140 12.40 -4.97 0.68
C PHE A 140 12.93 -3.75 1.39
N VAL A 141 12.55 -3.63 2.66
CA VAL A 141 12.84 -2.43 3.45
C VAL A 141 13.53 -2.82 4.74
N LEU A 142 14.37 -1.91 5.23
CA LEU A 142 15.04 -2.09 6.51
C LEU A 142 14.11 -1.66 7.64
N LEU A 143 13.94 -2.53 8.64
CA LEU A 143 13.29 -2.16 9.90
C LEU A 143 14.24 -2.47 11.05
N ILE A 144 14.36 -1.55 12.00
CA ILE A 144 15.34 -1.65 13.09
C ILE A 144 14.58 -1.98 14.37
N ALA A 145 14.81 -3.20 14.88
CA ALA A 145 14.00 -3.68 16.00
C ALA A 145 14.20 -2.84 17.25
N LYS A 146 15.41 -2.31 17.47
CA LYS A 146 15.66 -1.57 18.70
C LYS A 146 14.85 -0.26 18.74
N MET A 147 14.54 0.31 17.59
CA MET A 147 13.90 1.62 17.52
C MET A 147 12.39 1.56 17.41
N LEU A 148 11.80 0.37 17.44
CA LEU A 148 10.37 0.21 17.22
C LEU A 148 9.79 -0.66 18.32
N SER A 149 8.61 -0.28 18.80
CA SER A 149 7.91 -1.16 19.72
C SER A 149 7.52 -2.45 19.01
N MET A 150 7.20 -3.48 19.79
CA MET A 150 6.71 -4.74 19.23
C MET A 150 5.49 -4.50 18.34
N LYS A 151 4.52 -3.73 18.83
CA LYS A 151 3.31 -3.44 18.06
C LYS A 151 3.65 -2.66 16.78
N GLU A 152 4.53 -1.66 16.88
CA GLU A 152 4.83 -0.86 15.70
C GLU A 152 5.58 -1.68 14.66
N LEU A 153 6.51 -2.52 15.10
CA LEU A 153 7.27 -3.34 14.15
C LEU A 153 6.35 -4.30 13.40
N LYS A 154 5.46 -4.98 14.14
CA LYS A 154 4.53 -5.91 13.51
C LYS A 154 3.63 -5.19 12.51
N LYS A 155 3.18 -3.98 12.87
CA LYS A 155 2.36 -3.19 11.96
C LYS A 155 3.12 -2.84 10.68
N LEU A 156 4.39 -2.44 10.81
CA LEU A 156 5.14 -2.05 9.62
C LEU A 156 5.50 -3.25 8.78
N LEU A 157 5.87 -4.37 9.42
CA LEU A 157 6.08 -5.61 8.68
C LEU A 157 4.84 -5.98 7.89
N GLU A 158 3.67 -5.86 8.52
CA GLU A 158 2.42 -6.23 7.87
C GLU A 158 2.11 -5.29 6.72
N PHE A 159 2.31 -3.98 6.90
CA PHE A 159 2.12 -3.04 5.82
C PHE A 159 3.04 -3.36 4.63
N ALA A 160 4.32 -3.63 4.92
CA ALA A 160 5.25 -4.02 3.86
C ALA A 160 4.74 -5.25 3.12
N ARG A 161 4.32 -6.28 3.86
CA ARG A 161 3.82 -7.50 3.23
C ARG A 161 2.60 -7.22 2.36
N HIS A 162 1.71 -6.34 2.82
CA HIS A 162 0.50 -6.02 2.06
C HIS A 162 0.78 -5.13 0.85
N LEU A 163 1.98 -4.57 0.72
CA LEU A 163 2.41 -3.91 -0.51
C LEU A 163 3.23 -4.82 -1.40
N GLY A 164 3.51 -6.04 -0.97
CA GLY A 164 4.35 -6.94 -1.72
C GLY A 164 5.84 -6.80 -1.45
N LEU A 165 6.23 -6.15 -0.36
CA LEU A 165 7.62 -5.91 0.00
C LEU A 165 8.04 -6.82 1.14
N GLU A 166 9.26 -7.36 1.07
CA GLU A 166 9.81 -8.06 2.21
C GLU A 166 10.45 -7.05 3.16
N ALA A 167 11.01 -7.54 4.27
CA ALA A 167 11.70 -6.63 5.16
C ALA A 167 12.89 -7.34 5.80
N LEU A 168 13.99 -6.61 5.91
CA LEU A 168 15.15 -7.01 6.70
C LEU A 168 15.00 -6.38 8.09
N VAL A 169 14.82 -7.20 9.12
CA VAL A 169 14.68 -6.68 10.48
C VAL A 169 16.04 -6.81 11.16
N GLU A 170 16.66 -5.67 11.42
CA GLU A 170 17.99 -5.62 12.03
C GLU A 170 17.89 -5.80 13.54
N ILE A 171 18.73 -6.68 14.09
CA ILE A 171 18.74 -6.96 15.51
C ILE A 171 20.17 -6.85 16.04
N HIS A 172 20.30 -6.48 17.31
CA HIS A 172 21.60 -6.37 17.95
C HIS A 172 21.72 -7.21 19.22
N ASP A 173 20.62 -7.74 19.75
CA ASP A 173 20.68 -8.52 20.99
C ASP A 173 19.47 -9.44 21.04
N LYS A 174 19.33 -10.13 22.18
CA LYS A 174 18.26 -11.10 22.35
C LYS A 174 16.91 -10.41 22.48
N GLU A 175 16.86 -9.23 23.11
CA GLU A 175 15.61 -8.47 23.16
C GLU A 175 15.12 -8.14 21.75
N ASP A 176 16.00 -7.56 20.93
CA ASP A 176 15.68 -7.30 19.54
C ASP A 176 15.15 -8.55 18.84
N LEU A 177 15.82 -9.69 19.05
CA LEU A 177 15.43 -10.91 18.35
C LEU A 177 14.05 -11.36 18.78
N SER A 178 13.77 -11.29 20.08
CA SER A 178 12.46 -11.63 20.61
C SER A 178 11.37 -10.79 19.96
N LYS A 179 11.62 -9.49 19.78
CA LYS A 179 10.70 -8.62 19.06
C LYS A 179 10.50 -9.10 17.63
N ALA A 180 11.60 -9.32 16.92
CA ALA A 180 11.53 -9.70 15.52
C ALA A 180 10.73 -10.98 15.31
N ILE A 181 10.99 -11.99 16.15
CA ILE A 181 10.28 -13.27 16.04
C ILE A 181 8.79 -13.08 16.30
N PHE A 182 8.47 -12.40 17.41
CA PHE A 182 7.07 -12.18 17.77
C PHE A 182 6.35 -11.31 16.74
N ALA A 183 7.07 -10.39 16.09
CA ALA A 183 6.47 -9.59 15.05
C ALA A 183 6.31 -10.35 13.73
N GLY A 184 6.92 -11.52 13.59
CA GLY A 184 6.78 -12.28 12.36
C GLY A 184 7.79 -11.96 11.27
N ALA A 185 8.96 -11.43 11.62
CA ALA A 185 9.97 -11.16 10.61
C ALA A 185 10.35 -12.45 9.89
N ASP A 186 10.45 -12.35 8.55
CA ASP A 186 10.95 -13.43 7.73
C ASP A 186 12.47 -13.38 7.53
N ILE A 187 13.05 -12.18 7.58
CA ILE A 187 14.48 -11.97 7.31
C ILE A 187 15.07 -11.22 8.49
N ILE A 188 16.09 -11.81 9.12
CA ILE A 188 16.68 -11.26 10.33
C ILE A 188 18.12 -10.92 10.03
N GLY A 189 18.49 -9.65 10.25
CA GLY A 189 19.85 -9.21 10.09
C GLY A 189 20.54 -9.01 11.43
N ILE A 190 21.56 -9.80 11.67
CA ILE A 190 22.41 -9.64 12.86
C ILE A 190 23.46 -8.60 12.53
N ASN A 191 23.43 -7.47 13.24
CA ASN A 191 24.35 -6.38 12.99
C ASN A 191 25.40 -6.36 14.09
N HIS A 192 26.67 -6.50 13.70
CA HIS A 192 27.77 -6.57 14.66
C HIS A 192 28.06 -5.23 15.31
N ARG A 193 27.66 -4.12 14.69
N ARG A 193 27.68 -4.12 14.68
CA ARG A 193 28.02 -2.79 15.17
CA ARG A 193 28.02 -2.80 15.19
C ARG A 193 26.96 -2.27 16.13
C ARG A 193 26.96 -2.30 16.15
N ASN A 194 27.41 -1.74 17.27
CA ASN A 194 26.48 -1.15 18.24
C ASN A 194 25.90 0.15 17.68
N LEU A 195 24.58 0.31 17.83
CA LEU A 195 23.86 1.39 17.17
C LEU A 195 24.04 2.74 17.85
N GLU A 196 24.68 2.80 19.01
CA GLU A 196 24.98 4.07 19.67
C GLU A 196 26.47 4.38 19.74
N ASP A 197 27.31 3.40 20.03
CA ASP A 197 28.73 3.61 20.27
C ASP A 197 29.63 3.12 19.14
N PHE A 198 29.06 2.52 18.09
CA PHE A 198 29.79 2.05 16.91
C PHE A 198 30.83 0.98 17.23
N THR A 199 30.82 0.44 18.44
CA THR A 199 31.68 -0.68 18.78
C THR A 199 31.19 -1.96 18.09
N MET A 200 32.09 -2.94 17.99
CA MET A 200 31.84 -4.17 17.25
C MET A 200 31.86 -5.36 18.20
N ASP A 201 30.83 -6.19 18.11
CA ASP A 201 30.82 -7.51 18.75
C ASP A 201 30.79 -8.54 17.63
N MET A 202 31.96 -9.04 17.26
CA MET A 202 32.09 -9.96 16.13
C MET A 202 31.76 -11.40 16.48
N SER A 203 31.33 -11.69 17.70
CA SER A 203 30.82 -13.01 18.05
C SER A 203 29.31 -13.03 18.16
N LEU A 204 28.63 -11.99 17.64
CA LEU A 204 27.19 -11.88 17.82
C LEU A 204 26.44 -12.99 17.11
N CYS A 205 26.96 -13.48 15.97
CA CYS A 205 26.28 -14.54 15.26
C CYS A 205 26.30 -15.85 16.06
N GLU A 206 27.45 -16.20 16.64
CA GLU A 206 27.50 -17.35 17.54
C GLU A 206 26.43 -17.25 18.62
N LYS A 207 26.22 -16.04 19.15
CA LYS A 207 25.37 -15.87 20.33
C LYS A 207 23.89 -15.91 19.97
N LEU A 208 23.51 -15.38 18.81
CA LEU A 208 22.11 -15.17 18.47
C LEU A 208 21.50 -16.25 17.58
N ILE A 209 22.29 -16.80 16.64
CA ILE A 209 21.74 -17.78 15.70
C ILE A 209 21.06 -18.94 16.41
N PRO A 210 21.58 -19.50 17.50
CA PRO A 210 20.85 -20.59 18.18
C PRO A 210 19.44 -20.22 18.64
N GLN A 211 19.09 -18.94 18.65
CA GLN A 211 17.75 -18.52 19.05
C GLN A 211 16.85 -18.20 17.87
N ILE A 212 17.36 -18.27 16.64
CA ILE A 212 16.58 -17.89 15.47
C ILE A 212 15.82 -19.09 14.93
N PRO A 213 14.51 -18.95 14.66
CA PRO A 213 13.73 -20.09 14.14
C PRO A 213 14.23 -20.58 12.79
N ASN A 214 13.96 -21.86 12.55
CA ASN A 214 14.40 -22.52 11.31
C ASN A 214 13.92 -21.78 10.08
N SER A 215 12.71 -21.21 10.14
CA SER A 215 12.05 -20.67 8.95
C SER A 215 12.67 -19.38 8.43
N LYS A 216 13.67 -18.81 9.12
CA LYS A 216 14.10 -17.45 8.82
C LYS A 216 15.36 -17.43 7.96
N ILE A 217 15.43 -16.43 7.07
CA ILE A 217 16.67 -16.06 6.42
C ILE A 217 17.50 -15.25 7.40
N ILE A 218 18.78 -15.60 7.54
CA ILE A 218 19.70 -14.93 8.47
C ILE A 218 20.74 -14.15 7.66
N ILE A 219 20.81 -12.84 7.89
CA ILE A 219 21.80 -11.96 7.29
C ILE A 219 22.75 -11.49 8.39
N ALA A 220 24.04 -11.37 8.04
CA ALA A 220 25.03 -10.78 8.92
C ALA A 220 25.51 -9.47 8.29
N GLU A 221 25.69 -8.45 9.12
CA GLU A 221 26.09 -7.13 8.66
C GLU A 221 27.13 -6.55 9.62
N SER A 222 28.09 -5.82 9.04
CA SER A 222 29.11 -4.98 9.70
C SER A 222 30.40 -5.75 10.01
N GLY A 223 31.53 -5.14 9.68
CA GLY A 223 32.83 -5.73 9.99
C GLY A 223 33.19 -6.91 9.14
N LEU A 224 32.54 -7.09 7.99
CA LEU A 224 32.81 -8.19 7.08
C LEU A 224 33.78 -7.72 6.00
N GLU A 225 34.97 -8.33 5.97
CA GLU A 225 35.96 -7.92 4.96
C GLU A 225 36.95 -9.05 4.66
N ASN A 226 36.60 -10.30 4.92
CA ASN A 226 37.52 -11.41 4.76
C ASN A 226 36.71 -12.66 4.46
N LYS A 227 37.08 -13.37 3.38
CA LYS A 227 36.28 -14.50 2.94
C LYS A 227 36.24 -15.60 3.97
N GLU A 228 37.36 -15.82 4.69
CA GLU A 228 37.43 -16.90 5.67
C GLU A 228 36.41 -16.70 6.79
N PHE A 229 36.18 -15.45 7.20
CA PHE A 229 35.19 -15.21 8.24
C PHE A 229 33.77 -15.43 7.70
N LEU A 230 33.51 -15.07 6.44
CA LEU A 230 32.21 -15.35 5.86
C LEU A 230 31.90 -16.84 5.90
N GLU A 231 32.88 -17.66 5.52
CA GLU A 231 32.66 -19.11 5.54
C GLU A 231 32.45 -19.63 6.95
N HIS A 232 33.11 -19.02 7.94
CA HIS A 232 32.85 -19.37 9.33
C HIS A 232 31.41 -19.04 9.72
N LEU A 233 30.92 -17.86 9.29
CA LEU A 233 29.54 -17.47 9.59
C LEU A 233 28.54 -18.36 8.88
N GLN A 234 28.83 -18.73 7.63
CA GLN A 234 28.00 -19.72 6.93
C GLN A 234 27.86 -20.99 7.76
N ASN A 235 28.98 -21.50 8.29
CA ASN A 235 28.96 -22.72 9.09
C ASN A 235 28.05 -22.59 10.30
N LEU A 236 27.95 -21.39 10.86
CA LEU A 236 27.02 -21.13 11.95
C LEU A 236 25.57 -21.00 11.46
N GLY A 237 25.35 -20.91 10.16
CA GLY A 237 24.02 -20.85 9.61
C GLY A 237 23.62 -19.54 8.93
N VAL A 238 24.55 -18.64 8.63
CA VAL A 238 24.19 -17.40 7.96
C VAL A 238 23.86 -17.68 6.50
N ASP A 239 22.79 -17.06 6.01
CA ASP A 239 22.42 -17.18 4.59
C ASP A 239 23.21 -16.22 3.71
N ALA A 240 23.24 -14.95 4.07
CA ALA A 240 23.78 -13.91 3.19
C ALA A 240 24.39 -12.81 4.05
N PHE A 241 25.18 -11.94 3.39
CA PHE A 241 26.00 -10.95 4.09
C PHE A 241 25.78 -9.58 3.47
N LEU A 242 25.51 -8.60 4.32
CA LEU A 242 25.35 -7.21 3.90
C LEU A 242 26.69 -6.51 4.10
N ILE A 243 27.30 -6.05 3.00
CA ILE A 243 28.65 -5.50 3.02
C ILE A 243 28.64 -4.20 2.22
N GLY A 244 29.20 -3.14 2.81
CA GLY A 244 29.21 -1.84 2.18
C GLY A 244 30.57 -1.17 2.24
N GLU A 245 31.02 -0.80 3.45
CA GLU A 245 32.20 0.06 3.53
C GLU A 245 33.43 -0.63 2.93
N TYR A 246 33.58 -1.93 3.14
CA TYR A 246 34.75 -2.63 2.61
C TYR A 246 34.87 -2.43 1.10
N PHE A 247 33.75 -2.49 0.39
CA PHE A 247 33.76 -2.26 -1.06
C PHE A 247 33.97 -0.80 -1.39
N MET A 248 33.30 0.09 -0.65
CA MET A 248 33.36 1.51 -0.94
C MET A 248 34.73 2.10 -0.64
N ARG A 249 35.51 1.47 0.26
CA ARG A 249 36.88 1.89 0.51
C ARG A 249 37.79 1.59 -0.66
N GLU A 250 37.46 0.59 -1.47
CA GLU A 250 38.33 0.15 -2.55
C GLU A 250 38.02 0.93 -3.82
N LYS A 251 39.04 1.06 -4.67
CA LYS A 251 38.86 1.70 -5.98
C LYS A 251 37.84 0.93 -6.81
N ASP A 252 38.06 -0.38 -6.98
CA ASP A 252 37.19 -1.24 -7.78
C ASP A 252 36.32 -2.03 -6.82
N GLU A 253 35.14 -1.48 -6.53
CA GLU A 253 34.21 -2.17 -5.63
C GLU A 253 33.76 -3.49 -6.20
N GLY A 254 33.74 -3.62 -7.53
CA GLY A 254 33.37 -4.89 -8.13
C GLY A 254 34.43 -5.95 -7.94
N LYS A 255 35.70 -5.57 -8.03
CA LYS A 255 36.80 -6.49 -7.76
C LYS A 255 36.79 -6.95 -6.30
N ALA A 256 36.50 -6.03 -5.36
CA ALA A 256 36.48 -6.40 -3.95
C ALA A 256 35.33 -7.36 -3.65
N LEU A 257 34.20 -7.18 -4.34
CA LEU A 257 33.07 -8.11 -4.17
C LEU A 257 33.41 -9.48 -4.72
N LYS A 258 33.97 -9.53 -5.93
CA LYS A 258 34.35 -10.80 -6.55
C LYS A 258 35.28 -11.60 -5.66
N ALA A 259 36.24 -10.93 -5.02
CA ALA A 259 37.23 -11.64 -4.21
C ALA A 259 36.60 -12.35 -3.01
N LEU A 260 35.45 -11.88 -2.55
CA LEU A 260 34.77 -12.48 -1.41
C LEU A 260 33.91 -13.68 -1.79
N LEU A 261 33.64 -13.88 -3.07
CA LEU A 261 32.81 -15.00 -3.51
C LEU A 261 33.65 -16.26 -3.64
N ALA B 3 22.62 5.49 23.97
CA ALA B 3 21.53 6.12 23.22
C ALA B 3 21.97 7.49 22.71
N MET B 4 22.37 7.54 21.43
CA MET B 4 22.90 8.78 20.88
C MET B 4 22.56 8.93 19.40
N ILE B 5 23.32 8.26 18.54
CA ILE B 5 23.29 8.58 17.12
C ILE B 5 21.99 8.12 16.47
N LEU B 6 21.49 6.93 16.86
CA LEU B 6 20.27 6.44 16.25
C LEU B 6 19.07 7.31 16.62
N ASP B 7 19.07 7.88 17.83
CA ASP B 7 18.01 8.82 18.19
C ASP B 7 18.12 10.12 17.39
N LYS B 8 19.35 10.60 17.16
CA LYS B 8 19.54 11.79 16.34
C LYS B 8 19.07 11.54 14.91
N ILE B 9 19.43 10.40 14.33
CA ILE B 9 19.04 10.10 12.97
C ILE B 9 17.52 10.04 12.86
N PHE B 10 16.88 9.35 13.81
CA PHE B 10 15.44 9.20 13.74
C PHE B 10 14.74 10.55 13.87
N GLU B 11 15.27 11.45 14.70
CA GLU B 11 14.62 12.73 14.89
C GLU B 11 14.70 13.60 13.64
N LYS B 12 15.84 13.58 12.95
CA LYS B 12 15.93 14.35 11.71
C LYS B 12 15.08 13.72 10.61
N THR B 13 15.00 12.39 10.59
CA THR B 13 14.15 11.73 9.60
C THR B 13 12.68 12.07 9.82
N LYS B 14 12.23 12.15 11.09
CA LYS B 14 10.83 12.50 11.34
C LYS B 14 10.54 13.92 10.88
N GLU B 15 11.42 14.87 11.19
CA GLU B 15 11.25 16.25 10.72
C GLU B 15 11.17 16.31 9.21
N ASP B 16 12.11 15.66 8.52
CA ASP B 16 12.08 15.65 7.06
C ASP B 16 10.81 15.02 6.53
N LEU B 17 10.29 14.00 7.22
CA LEU B 17 9.12 13.29 6.70
C LEU B 17 7.88 14.18 6.71
N LYS B 18 7.71 15.01 7.73
CA LYS B 18 6.59 15.96 7.75
C LYS B 18 6.59 16.84 6.52
N GLU B 19 7.74 17.45 6.22
CA GLU B 19 7.86 18.29 5.04
C GLU B 19 7.58 17.51 3.77
N ARG B 20 8.12 16.29 3.67
CA ARG B 20 7.95 15.51 2.44
C ARG B 20 6.47 15.22 2.19
N LYS B 21 5.71 14.92 3.24
CA LYS B 21 4.30 14.61 3.09
C LYS B 21 3.50 15.82 2.58
N LEU B 22 3.88 17.01 3.01
CA LEU B 22 3.23 18.22 2.51
C LEU B 22 3.50 18.43 1.03
N LYS B 23 4.69 18.06 0.55
CA LYS B 23 5.02 18.24 -0.86
C LYS B 23 4.48 17.11 -1.73
N LEU B 24 4.37 15.89 -1.20
CA LEU B 24 3.84 14.74 -1.92
C LEU B 24 2.98 13.95 -0.95
N PRO B 25 1.72 14.34 -0.79
CA PRO B 25 0.84 13.64 0.15
C PRO B 25 0.68 12.17 -0.20
N TYR B 26 0.20 11.41 0.79
CA TYR B 26 -0.16 10.01 0.56
C TYR B 26 -0.99 9.85 -0.72
N ASP B 27 -1.99 10.73 -0.90
CA ASP B 27 -2.93 10.54 -1.99
C ASP B 27 -2.34 10.83 -3.35
N MET B 28 -1.19 11.51 -3.41
CA MET B 28 -0.50 11.67 -4.69
C MET B 28 0.60 10.65 -4.90
N LEU B 29 1.24 10.20 -3.82
CA LEU B 29 2.35 9.27 -3.96
C LEU B 29 1.88 7.93 -4.51
N GLY B 30 0.80 7.39 -3.95
CA GLY B 30 0.30 6.10 -4.37
C GLY B 30 -0.44 6.12 -5.70
N ARG B 31 -1.35 7.08 -5.87
CA ARG B 31 -2.19 7.07 -7.07
C ARG B 31 -1.41 7.43 -8.34
N SER B 32 -0.18 7.91 -8.19
CA SER B 32 0.75 7.98 -9.32
C SER B 32 1.01 6.62 -9.95
N LEU B 33 0.84 5.53 -9.19
CA LEU B 33 1.00 4.19 -9.77
C LEU B 33 -0.09 3.89 -10.79
N ALA B 34 -1.28 4.48 -10.62
CA ALA B 34 -2.41 4.22 -11.50
C ALA B 34 -2.25 5.00 -12.80
N SER B 35 -3.16 4.73 -13.74
CA SER B 35 -3.07 5.27 -15.09
C SER B 35 -4.01 6.45 -15.31
N ASN B 36 -4.05 7.40 -14.38
CA ASN B 36 -4.80 8.64 -14.64
C ASN B 36 -4.28 9.27 -15.93
N PRO B 37 -5.16 9.78 -16.79
CA PRO B 37 -4.67 10.47 -18.00
C PRO B 37 -3.75 11.62 -17.66
N PHE B 38 -4.12 12.40 -16.64
CA PHE B 38 -3.33 13.54 -16.21
C PHE B 38 -2.96 13.31 -14.76
N PHE B 39 -3.66 13.95 -13.81
CA PHE B 39 -3.25 13.88 -12.42
C PHE B 39 -4.41 13.40 -11.55
N PRO B 40 -4.13 12.79 -10.39
CA PRO B 40 -5.21 12.31 -9.53
C PRO B 40 -6.04 13.46 -8.98
N LYS B 41 -7.33 13.20 -8.82
CA LYS B 41 -8.28 14.22 -8.40
C LYS B 41 -8.57 14.12 -6.90
N ASP B 42 -8.96 15.25 -6.32
CA ASP B 42 -9.27 15.32 -4.90
C ASP B 42 -10.67 14.77 -4.65
N VAL B 43 -10.77 13.67 -3.90
CA VAL B 43 -12.07 13.02 -3.69
C VAL B 43 -12.98 13.88 -2.82
N ILE B 44 -12.44 14.47 -1.76
CA ILE B 44 -13.28 15.23 -0.82
C ILE B 44 -13.91 16.43 -1.51
N LYS B 45 -13.09 17.18 -2.24
CA LYS B 45 -13.58 18.37 -2.94
C LYS B 45 -14.56 18.01 -4.04
N ALA B 46 -14.37 16.86 -4.69
CA ALA B 46 -15.34 16.41 -5.70
C ALA B 46 -16.73 16.21 -5.10
N LEU B 47 -16.80 15.73 -3.86
CA LEU B 47 -18.05 15.31 -3.23
C LEU B 47 -18.64 16.34 -2.28
N LYS B 48 -17.85 17.28 -1.78
CA LYS B 48 -18.37 18.21 -0.78
C LYS B 48 -19.34 19.18 -1.43
N ARG B 49 -20.57 19.23 -0.91
CA ARG B 49 -21.54 20.20 -1.42
C ARG B 49 -21.23 21.57 -0.82
N VAL B 50 -21.07 22.56 -1.70
CA VAL B 50 -20.70 23.91 -1.28
C VAL B 50 -21.94 24.76 -1.03
N GLU B 51 -22.88 24.75 -1.97
CA GLU B 51 -24.14 25.47 -1.81
C GLU B 51 -25.29 24.49 -1.94
N LYS B 52 -25.99 24.51 -3.08
CA LYS B 52 -27.05 23.56 -3.35
C LYS B 52 -26.86 22.84 -4.68
N GLU B 53 -25.65 22.84 -5.22
CA GLU B 53 -25.38 22.09 -6.44
C GLU B 53 -25.59 20.59 -6.20
N VAL B 54 -26.08 19.89 -7.21
CA VAL B 54 -26.39 18.48 -7.11
C VAL B 54 -25.14 17.70 -7.53
N LYS B 55 -24.59 16.93 -6.60
CA LYS B 55 -23.39 16.14 -6.84
C LYS B 55 -23.79 14.68 -6.85
N ILE B 56 -23.54 14.00 -7.97
CA ILE B 56 -23.98 12.63 -8.15
C ILE B 56 -22.76 11.76 -8.43
N ILE B 57 -22.63 10.68 -7.66
CA ILE B 57 -21.73 9.57 -7.97
C ILE B 57 -22.54 8.62 -8.84
N ALA B 58 -22.27 8.63 -10.14
CA ALA B 58 -23.08 7.86 -11.07
C ALA B 58 -22.48 6.47 -11.24
N GLU B 59 -23.31 5.44 -11.15
CA GLU B 59 -22.82 4.08 -10.97
C GLU B 59 -22.98 3.27 -12.26
N VAL B 60 -21.90 2.58 -12.62
CA VAL B 60 -21.84 1.72 -13.80
C VAL B 60 -22.15 0.30 -13.34
N LYS B 61 -23.35 -0.18 -13.67
CA LYS B 61 -23.91 -1.36 -13.03
C LYS B 61 -24.75 -2.13 -14.03
N LYS B 62 -24.33 -3.35 -14.36
CA LYS B 62 -25.06 -4.15 -15.34
C LYS B 62 -26.25 -4.88 -14.72
N ALA B 63 -26.09 -5.40 -13.51
CA ALA B 63 -27.04 -6.33 -12.92
C ALA B 63 -27.04 -6.12 -11.42
N SER B 64 -28.05 -6.69 -10.75
CA SER B 64 -28.08 -6.61 -9.30
C SER B 64 -28.80 -7.84 -8.76
N PRO B 65 -28.50 -8.24 -7.52
CA PRO B 65 -29.15 -9.45 -6.96
C PRO B 65 -30.66 -9.39 -6.92
N SER B 66 -31.26 -8.21 -6.72
CA SER B 66 -32.70 -8.15 -6.60
C SER B 66 -33.42 -7.98 -7.93
N LYS B 67 -32.73 -7.50 -8.96
CA LYS B 67 -33.39 -7.15 -10.21
C LYS B 67 -33.01 -8.02 -11.39
N GLY B 68 -31.91 -8.76 -11.30
CA GLY B 68 -31.41 -9.45 -12.47
C GLY B 68 -30.61 -8.49 -13.36
N VAL B 69 -30.53 -8.83 -14.65
CA VAL B 69 -29.82 -7.97 -15.58
C VAL B 69 -30.63 -6.70 -15.81
N ILE B 70 -30.02 -5.55 -15.53
CA ILE B 70 -30.66 -4.26 -15.71
C ILE B 70 -30.46 -3.76 -17.13
N ARG B 71 -29.27 -3.99 -17.68
CA ARG B 71 -28.95 -3.53 -19.03
C ARG B 71 -28.23 -4.66 -19.77
N GLU B 72 -28.91 -5.25 -20.75
CA GLU B 72 -28.31 -6.32 -21.52
C GLU B 72 -27.21 -5.79 -22.43
N ASP B 73 -27.41 -4.60 -23.00
CA ASP B 73 -26.44 -3.97 -23.89
C ASP B 73 -25.54 -3.04 -23.07
N PHE B 74 -24.53 -3.63 -22.44
CA PHE B 74 -23.76 -2.99 -21.39
C PHE B 74 -22.38 -2.62 -21.91
N ASP B 75 -22.08 -1.32 -21.97
CA ASP B 75 -20.80 -0.80 -22.46
C ASP B 75 -20.25 0.09 -21.36
N PRO B 76 -19.49 -0.47 -20.41
CA PRO B 76 -19.09 0.32 -19.23
C PRO B 76 -18.29 1.57 -19.57
N LEU B 77 -17.39 1.52 -20.56
CA LEU B 77 -16.63 2.72 -20.93
C LEU B 77 -17.55 3.81 -21.46
N SER B 78 -18.45 3.44 -22.39
CA SER B 78 -19.37 4.43 -22.93
C SER B 78 -20.25 5.04 -21.84
N ILE B 79 -20.71 4.23 -20.89
CA ILE B 79 -21.49 4.75 -19.77
C ILE B 79 -20.69 5.76 -18.98
N ALA B 80 -19.45 5.40 -18.62
CA ALA B 80 -18.63 6.30 -17.81
C ALA B 80 -18.38 7.62 -18.53
N LEU B 81 -18.10 7.56 -19.84
CA LEU B 81 -17.87 8.80 -20.58
C LEU B 81 -19.13 9.65 -20.59
N ASN B 82 -20.28 9.03 -20.80
CA ASN B 82 -21.55 9.76 -20.79
C ASN B 82 -21.83 10.37 -19.41
N TYR B 83 -21.48 9.66 -18.34
CA TYR B 83 -21.65 10.20 -17.00
C TYR B 83 -20.79 11.44 -16.80
N GLU B 84 -19.51 11.35 -17.13
CA GLU B 84 -18.63 12.49 -16.92
C GLU B 84 -19.04 13.67 -17.79
N LYS B 85 -19.42 13.39 -19.04
CA LYS B 85 -19.92 14.43 -19.94
C LYS B 85 -21.10 15.19 -19.32
N ASN B 86 -21.96 14.50 -18.59
CA ASN B 86 -23.16 15.12 -18.06
C ASN B 86 -23.01 15.51 -16.59
N LYS B 87 -21.77 15.72 -16.15
CA LYS B 87 -21.40 16.45 -14.95
C LYS B 87 -21.59 15.64 -13.67
N ALA B 88 -21.45 14.32 -13.78
CA ALA B 88 -21.31 13.50 -12.57
C ALA B 88 -20.15 14.04 -11.74
N ALA B 89 -20.31 14.00 -10.42
CA ALA B 89 -19.21 14.37 -9.54
C ALA B 89 -18.13 13.29 -9.47
N ALA B 90 -18.53 12.03 -9.61
CA ALA B 90 -17.63 10.88 -9.53
C ALA B 90 -18.35 9.71 -10.17
N ILE B 91 -17.62 8.63 -10.40
CA ILE B 91 -18.19 7.43 -11.00
C ILE B 91 -17.92 6.24 -10.09
N SER B 92 -18.96 5.44 -9.82
CA SER B 92 -18.83 4.21 -9.08
C SER B 92 -18.77 3.05 -10.08
N VAL B 93 -17.72 2.23 -10.00
CA VAL B 93 -17.59 1.09 -10.91
C VAL B 93 -17.81 -0.17 -10.09
N LEU B 94 -18.89 -0.90 -10.41
CA LEU B 94 -19.09 -2.22 -9.83
C LEU B 94 -18.03 -3.17 -10.37
N THR B 95 -17.26 -3.77 -9.48
CA THR B 95 -16.25 -4.72 -9.89
C THR B 95 -16.59 -6.13 -9.46
N GLU B 96 -17.70 -6.33 -8.76
CA GLU B 96 -18.11 -7.67 -8.34
C GLU B 96 -18.67 -8.42 -9.54
N PRO B 97 -18.12 -9.57 -9.91
CA PRO B 97 -18.48 -10.17 -11.20
C PRO B 97 -19.68 -11.13 -11.16
N HIS B 98 -19.94 -11.77 -10.03
CA HIS B 98 -20.90 -12.86 -10.06
C HIS B 98 -22.34 -12.36 -9.97
N PHE B 99 -22.61 -11.47 -9.04
CA PHE B 99 -23.98 -11.00 -8.82
C PHE B 99 -24.29 -9.69 -9.52
N PHE B 100 -23.29 -8.82 -9.69
CA PHE B 100 -23.48 -7.55 -10.38
C PHE B 100 -22.92 -7.53 -11.79
N LYS B 101 -22.18 -8.58 -12.19
CA LYS B 101 -21.60 -8.68 -13.53
C LYS B 101 -20.68 -7.50 -13.84
N GLY B 102 -19.97 -7.02 -12.82
CA GLY B 102 -18.92 -6.05 -13.04
C GLY B 102 -17.59 -6.73 -13.25
N SER B 103 -16.54 -5.92 -13.28
CA SER B 103 -15.21 -6.45 -13.52
C SER B 103 -14.18 -5.44 -13.03
N LEU B 104 -13.12 -5.95 -12.41
CA LEU B 104 -12.01 -5.07 -12.05
C LEU B 104 -11.41 -4.43 -13.29
N GLU B 105 -11.44 -5.12 -14.44
CA GLU B 105 -10.83 -4.54 -15.64
C GLU B 105 -11.62 -3.34 -16.14
N TYR B 106 -12.92 -3.29 -15.86
CA TYR B 106 -13.71 -2.11 -16.23
C TYR B 106 -13.20 -0.86 -15.53
N LEU B 107 -12.78 -1.02 -14.28
CA LEU B 107 -12.21 0.08 -13.52
C LEU B 107 -10.96 0.62 -14.20
N SER B 108 -10.08 -0.30 -14.63
CA SER B 108 -8.83 0.09 -15.27
C SER B 108 -9.09 0.75 -16.63
N LEU B 109 -10.02 0.20 -17.40
CA LEU B 109 -10.36 0.79 -18.68
C LEU B 109 -10.96 2.19 -18.49
N ILE B 110 -11.94 2.30 -17.59
CA ILE B 110 -12.58 3.59 -17.33
C ILE B 110 -11.56 4.61 -16.82
N ARG B 111 -10.57 4.17 -16.03
CA ARG B 111 -9.60 5.10 -15.47
C ARG B 111 -8.83 5.84 -16.56
N ARG B 112 -8.43 5.13 -17.60
CA ARG B 112 -7.64 5.75 -18.66
C ARG B 112 -8.38 6.84 -19.42
N TYR B 113 -9.72 6.89 -19.36
CA TYR B 113 -10.46 7.86 -20.17
C TYR B 113 -11.38 8.76 -19.34
N THR B 114 -11.12 8.91 -18.05
CA THR B 114 -11.94 9.75 -17.19
C THR B 114 -11.07 10.65 -16.33
N GLN B 115 -11.62 11.80 -15.96
CA GLN B 115 -10.89 12.78 -15.16
C GLN B 115 -11.67 13.18 -13.91
N ILE B 116 -12.47 12.27 -13.38
CA ILE B 116 -13.16 12.49 -12.10
C ILE B 116 -12.93 11.27 -11.24
N PRO B 117 -13.12 11.40 -9.92
CA PRO B 117 -12.79 10.27 -9.02
C PRO B 117 -13.62 9.04 -9.34
N LEU B 118 -13.00 7.87 -9.16
CA LEU B 118 -13.64 6.58 -9.36
C LEU B 118 -13.74 5.84 -8.04
N LEU B 119 -14.93 5.34 -7.73
CA LEU B 119 -15.17 4.47 -6.58
C LEU B 119 -15.11 3.01 -7.02
N ARG B 120 -14.30 2.21 -6.32
CA ARG B 120 -14.40 0.75 -6.49
C ARG B 120 -15.57 0.26 -5.63
N LYS B 121 -16.63 -0.19 -6.28
CA LYS B 121 -17.82 -0.68 -5.58
C LYS B 121 -17.77 -2.20 -5.60
N ASP B 122 -17.51 -2.80 -4.45
CA ASP B 122 -17.27 -4.23 -4.36
C ASP B 122 -17.43 -4.60 -2.89
N PHE B 123 -17.07 -5.82 -2.54
CA PHE B 123 -17.32 -6.33 -1.20
C PHE B 123 -15.94 -6.59 -0.62
N ILE B 124 -15.42 -5.56 0.06
CA ILE B 124 -14.01 -5.48 0.42
C ILE B 124 -13.82 -5.87 1.88
N PHE B 125 -12.95 -6.86 2.12
CA PHE B 125 -12.68 -7.33 3.47
C PHE B 125 -11.19 -7.62 3.67
N ASP B 126 -10.33 -7.29 2.70
CA ASP B 126 -8.93 -7.71 2.74
C ASP B 126 -8.06 -6.65 2.08
N GLU B 127 -6.86 -6.44 2.63
CA GLU B 127 -5.91 -5.45 2.11
C GLU B 127 -5.63 -5.66 0.61
N TYR B 128 -5.53 -6.90 0.17
CA TYR B 128 -5.24 -7.17 -1.25
C TYR B 128 -6.24 -6.46 -2.17
N GLN B 129 -7.52 -6.46 -1.81
CA GLN B 129 -8.53 -5.83 -2.66
C GLN B 129 -8.36 -4.32 -2.73
N ILE B 130 -7.84 -3.71 -1.66
CA ILE B 130 -7.56 -2.28 -1.64
C ILE B 130 -6.30 -1.96 -2.43
N LEU B 131 -5.27 -2.80 -2.36
CA LEU B 131 -4.12 -2.62 -3.25
C LEU B 131 -4.54 -2.75 -4.71
N GLU B 132 -5.41 -3.73 -5.01
CA GLU B 132 -6.02 -3.82 -6.34
C GLU B 132 -6.67 -2.51 -6.75
N ALA B 133 -7.48 -1.94 -5.86
CA ALA B 133 -8.18 -0.70 -6.18
C ALA B 133 -7.19 0.40 -6.53
N LEU B 134 -6.08 0.48 -5.79
CA LEU B 134 -5.03 1.46 -6.10
C LEU B 134 -4.46 1.25 -7.50
N VAL B 135 -3.98 0.04 -7.77
N VAL B 135 -3.98 0.05 -7.81
CA VAL B 135 -3.31 -0.29 -9.02
CA VAL B 135 -3.27 -0.11 -9.07
C VAL B 135 -4.25 -0.09 -10.20
C VAL B 135 -4.23 -0.13 -10.25
N TYR B 136 -5.48 -0.56 -10.06
CA TYR B 136 -6.45 -0.52 -11.16
C TYR B 136 -7.08 0.84 -11.37
N GLY B 137 -6.80 1.83 -10.51
CA GLY B 137 -7.22 3.19 -10.80
C GLY B 137 -8.34 3.77 -9.94
N ALA B 138 -8.75 3.11 -8.87
CA ALA B 138 -9.76 3.71 -8.02
C ALA B 138 -9.15 4.84 -7.20
N ASP B 139 -9.99 5.82 -6.87
CA ASP B 139 -9.58 6.89 -5.95
C ASP B 139 -10.17 6.72 -4.57
N PHE B 140 -11.25 5.96 -4.44
CA PHE B 140 -11.74 5.56 -3.12
C PHE B 140 -12.44 4.21 -3.23
N VAL B 141 -12.63 3.58 -2.08
CA VAL B 141 -13.13 2.21 -2.01
C VAL B 141 -14.34 2.16 -1.09
N LEU B 142 -15.23 1.24 -1.39
CA LEU B 142 -16.42 1.00 -0.59
C LEU B 142 -16.08 0.05 0.56
N LEU B 143 -16.40 0.46 1.80
CA LEU B 143 -16.34 -0.40 2.96
C LEU B 143 -17.73 -0.50 3.57
N ILE B 144 -18.21 -1.73 3.78
CA ILE B 144 -19.55 -1.98 4.28
C ILE B 144 -19.48 -2.29 5.76
N ALA B 145 -19.90 -1.35 6.59
CA ALA B 145 -19.75 -1.51 8.03
C ALA B 145 -20.52 -2.72 8.55
N LYS B 146 -21.67 -3.03 7.96
CA LYS B 146 -22.43 -4.19 8.41
C LYS B 146 -21.64 -5.49 8.23
N MET B 147 -20.74 -5.53 7.26
CA MET B 147 -19.99 -6.72 6.89
C MET B 147 -18.68 -6.87 7.68
N LEU B 148 -18.29 -5.87 8.46
CA LEU B 148 -16.97 -5.83 9.06
C LEU B 148 -17.05 -5.56 10.56
N SER B 149 -16.16 -6.17 11.32
CA SER B 149 -16.04 -5.81 12.73
C SER B 149 -15.48 -4.39 12.85
N MET B 150 -15.69 -3.79 14.03
CA MET B 150 -15.18 -2.44 14.26
C MET B 150 -13.67 -2.36 14.03
N LYS B 151 -12.91 -3.29 14.59
CA LYS B 151 -11.46 -3.28 14.38
C LYS B 151 -11.11 -3.50 12.91
N GLU B 152 -11.81 -4.41 12.23
CA GLU B 152 -11.45 -4.70 10.84
C GLU B 152 -11.76 -3.53 9.93
N LEU B 153 -12.88 -2.83 10.18
CA LEU B 153 -13.21 -1.65 9.40
C LEU B 153 -12.14 -0.58 9.54
N LYS B 154 -11.69 -0.31 10.77
CA LYS B 154 -10.63 0.67 10.97
C LYS B 154 -9.32 0.23 10.32
N LYS B 155 -8.98 -1.04 10.44
CA LYS B 155 -7.78 -1.56 9.79
C LYS B 155 -7.82 -1.33 8.28
N LEU B 156 -8.95 -1.63 7.63
CA LEU B 156 -9.00 -1.49 6.18
C LEU B 156 -9.07 -0.03 5.76
N LEU B 157 -9.77 0.79 6.54
CA LEU B 157 -9.81 2.22 6.24
C LEU B 157 -8.42 2.83 6.34
N GLU B 158 -7.66 2.44 7.37
CA GLU B 158 -6.30 2.96 7.53
C GLU B 158 -5.40 2.49 6.39
N PHE B 159 -5.51 1.22 6.00
CA PHE B 159 -4.73 0.73 4.87
C PHE B 159 -5.05 1.50 3.60
N ALA B 160 -6.34 1.74 3.33
CA ALA B 160 -6.70 2.57 2.17
C ALA B 160 -6.06 3.95 2.29
N ARG B 161 -6.15 4.56 3.47
CA ARG B 161 -5.58 5.88 3.65
C ARG B 161 -4.07 5.86 3.41
N HIS B 162 -3.39 4.80 3.86
CA HIS B 162 -1.95 4.68 3.68
C HIS B 162 -1.54 4.37 2.24
N LEU B 163 -2.50 4.04 1.36
CA LEU B 163 -2.26 3.96 -0.08
C LEU B 163 -2.68 5.24 -0.79
N GLY B 164 -3.22 6.20 -0.06
CA GLY B 164 -3.72 7.40 -0.67
C GLY B 164 -5.14 7.31 -1.19
N LEU B 165 -5.89 6.30 -0.76
CA LEU B 165 -7.28 6.15 -1.18
C LEU B 165 -8.22 6.59 -0.06
N GLU B 166 -9.29 7.28 -0.42
CA GLU B 166 -10.36 7.52 0.54
C GLU B 166 -11.24 6.28 0.67
N ALA B 167 -12.22 6.32 1.57
CA ALA B 167 -13.15 5.22 1.73
C ALA B 167 -14.56 5.75 1.95
N LEU B 168 -15.52 5.21 1.20
N LEU B 168 -15.50 5.21 1.19
CA LEU B 168 -16.94 5.46 1.43
CA LEU B 168 -16.93 5.42 1.43
C LEU B 168 -17.45 4.35 2.36
C LEU B 168 -17.40 4.33 2.37
N VAL B 169 -17.70 4.69 3.61
CA VAL B 169 -18.13 3.74 4.62
C VAL B 169 -19.65 3.76 4.62
N GLU B 170 -20.24 2.65 4.16
CA GLU B 170 -21.68 2.50 4.04
C GLU B 170 -22.29 2.08 5.36
N ILE B 171 -23.36 2.77 5.79
CA ILE B 171 -24.03 2.47 7.04
C ILE B 171 -25.52 2.30 6.78
N HIS B 172 -26.17 1.50 7.62
CA HIS B 172 -27.62 1.33 7.56
C HIS B 172 -28.29 1.54 8.91
N ASP B 173 -27.53 1.64 10.00
CA ASP B 173 -28.10 1.80 11.33
C ASP B 173 -27.07 2.45 12.24
N LYS B 174 -27.45 2.65 13.50
CA LYS B 174 -26.55 3.33 14.44
C LYS B 174 -25.34 2.46 14.78
N GLU B 175 -25.48 1.14 14.80
N GLU B 175 -25.50 1.14 14.80
CA GLU B 175 -24.29 0.31 15.04
CA GLU B 175 -24.36 0.24 15.01
C GLU B 175 -23.29 0.46 13.90
C GLU B 175 -23.32 0.42 13.90
N ASP B 176 -23.77 0.49 12.66
CA ASP B 176 -22.88 0.77 11.53
C ASP B 176 -22.17 2.10 11.72
N LEU B 177 -22.93 3.13 12.11
CA LEU B 177 -22.33 4.45 12.33
C LEU B 177 -21.26 4.41 13.41
N SER B 178 -21.50 3.65 14.49
CA SER B 178 -20.52 3.59 15.57
C SER B 178 -19.22 2.97 15.07
N LYS B 179 -19.32 1.97 14.19
CA LYS B 179 -18.11 1.44 13.57
C LYS B 179 -17.43 2.50 12.73
N ALA B 180 -18.20 3.24 11.92
CA ALA B 180 -17.62 4.26 11.05
C ALA B 180 -16.90 5.33 11.87
N ILE B 181 -17.46 5.68 13.02
CA ILE B 181 -16.86 6.71 13.86
C ILE B 181 -15.55 6.21 14.46
N PHE B 182 -15.57 4.98 15.01
CA PHE B 182 -14.34 4.42 15.56
C PHE B 182 -13.24 4.34 14.52
N ALA B 183 -13.60 3.98 13.29
CA ALA B 183 -12.64 3.87 12.21
C ALA B 183 -12.17 5.22 11.69
N GLY B 184 -12.83 6.31 12.06
CA GLY B 184 -12.41 7.62 11.61
C GLY B 184 -12.85 7.99 10.21
N ALA B 185 -13.94 7.41 9.71
CA ALA B 185 -14.39 7.70 8.36
C ALA B 185 -14.80 9.16 8.23
N ASP B 186 -14.47 9.78 7.09
CA ASP B 186 -15.00 11.12 6.83
C ASP B 186 -15.89 11.19 5.60
N ILE B 187 -16.07 10.08 4.89
CA ILE B 187 -17.13 9.93 3.89
C ILE B 187 -18.03 8.80 4.35
N ILE B 188 -19.29 9.14 4.63
CA ILE B 188 -20.24 8.20 5.21
C ILE B 188 -21.44 8.10 4.28
N GLY B 189 -21.77 6.88 3.87
CA GLY B 189 -22.87 6.63 2.98
C GLY B 189 -24.03 6.00 3.74
N ILE B 190 -25.18 6.64 3.64
CA ILE B 190 -26.41 6.12 4.24
C ILE B 190 -27.12 5.33 3.13
N ASN B 191 -27.22 4.02 3.30
CA ASN B 191 -27.83 3.14 2.30
C ASN B 191 -29.27 2.86 2.72
N HIS B 192 -30.23 3.33 1.92
CA HIS B 192 -31.63 3.05 2.23
C HIS B 192 -31.94 1.55 2.15
N ARG B 193 -31.15 0.79 1.40
CA ARG B 193 -31.43 -0.63 1.17
C ARG B 193 -30.77 -1.49 2.24
N ASN B 194 -31.54 -2.42 2.80
CA ASN B 194 -31.02 -3.42 3.73
C ASN B 194 -30.32 -4.51 2.92
N LEU B 195 -29.00 -4.64 3.06
CA LEU B 195 -28.25 -5.52 2.17
C LEU B 195 -28.46 -7.00 2.47
N GLU B 196 -29.14 -7.36 3.56
CA GLU B 196 -29.41 -8.76 3.82
C GLU B 196 -30.73 -9.23 3.20
N ASP B 197 -31.80 -8.45 3.30
CA ASP B 197 -33.08 -8.85 2.72
C ASP B 197 -33.53 -7.92 1.60
N PHE B 198 -32.74 -6.90 1.27
CA PHE B 198 -33.00 -5.98 0.16
C PHE B 198 -34.31 -5.22 0.32
N THR B 199 -34.80 -5.10 1.55
CA THR B 199 -35.87 -4.15 1.85
C THR B 199 -35.30 -2.72 1.86
N MET B 200 -36.21 -1.75 1.96
CA MET B 200 -35.92 -0.35 1.66
C MET B 200 -36.49 0.55 2.75
N ASP B 201 -35.67 1.44 3.33
CA ASP B 201 -36.14 2.42 4.30
C ASP B 201 -35.78 3.81 3.79
N MET B 202 -36.76 4.48 3.18
CA MET B 202 -36.52 5.79 2.57
C MET B 202 -36.54 6.96 3.56
N SER B 203 -36.73 6.70 4.85
CA SER B 203 -36.63 7.76 5.85
C SER B 203 -35.31 7.71 6.61
N LEU B 204 -34.37 6.90 6.16
CA LEU B 204 -33.17 6.63 6.93
C LEU B 204 -32.29 7.87 7.12
N CYS B 205 -32.22 8.74 6.12
CA CYS B 205 -31.38 9.92 6.25
C CYS B 205 -31.85 10.81 7.39
N GLU B 206 -33.17 11.01 7.48
CA GLU B 206 -33.72 11.83 8.56
C GLU B 206 -33.31 11.29 9.92
N LYS B 207 -33.24 9.97 10.07
CA LYS B 207 -32.91 9.38 11.36
C LYS B 207 -31.40 9.46 11.66
N LEU B 208 -30.55 9.27 10.65
CA LEU B 208 -29.13 9.10 10.94
C LEU B 208 -28.32 10.38 10.84
N ILE B 209 -28.69 11.29 9.93
CA ILE B 209 -27.88 12.51 9.72
C ILE B 209 -27.71 13.34 10.98
N PRO B 210 -28.70 13.49 11.86
CA PRO B 210 -28.44 14.25 13.11
C PRO B 210 -27.33 13.66 13.96
N GLN B 211 -26.96 12.40 13.73
CA GLN B 211 -25.92 11.73 14.49
C GLN B 211 -24.56 11.82 13.84
N ILE B 212 -24.45 12.49 12.70
CA ILE B 212 -23.20 12.59 11.93
C ILE B 212 -22.75 14.04 11.97
N PRO B 213 -21.47 14.31 12.26
CA PRO B 213 -20.98 15.69 12.16
C PRO B 213 -21.08 16.18 10.72
N ASN B 214 -21.65 17.37 10.54
CA ASN B 214 -21.91 17.86 9.19
C ASN B 214 -20.64 18.14 8.41
N SER B 215 -19.48 18.21 9.09
CA SER B 215 -18.19 18.31 8.43
C SER B 215 -17.83 17.04 7.66
N LYS B 216 -18.43 15.90 7.99
CA LYS B 216 -18.27 14.70 7.19
C LYS B 216 -18.96 14.86 5.84
N ILE B 217 -18.47 14.14 4.85
CA ILE B 217 -19.16 14.01 3.57
C ILE B 217 -20.24 12.95 3.73
N ILE B 218 -21.49 13.36 3.55
CA ILE B 218 -22.63 12.44 3.68
C ILE B 218 -23.14 12.10 2.29
N ILE B 219 -23.11 10.80 1.96
CA ILE B 219 -23.68 10.27 0.71
C ILE B 219 -24.98 9.55 1.03
N ALA B 220 -26.00 9.77 0.20
CA ALA B 220 -27.22 8.98 0.25
C ALA B 220 -27.20 7.96 -0.88
N GLU B 221 -27.59 6.71 -0.57
CA GLU B 221 -27.54 5.63 -1.55
C GLU B 221 -28.86 4.86 -1.57
N SER B 222 -29.28 4.48 -2.79
CA SER B 222 -30.31 3.50 -3.12
C SER B 222 -31.69 4.14 -3.22
N GLY B 223 -32.47 3.70 -4.21
CA GLY B 223 -33.83 4.15 -4.39
C GLY B 223 -33.98 5.60 -4.80
N LEU B 224 -32.91 6.20 -5.33
CA LEU B 224 -32.94 7.60 -5.72
C LEU B 224 -33.32 7.70 -7.19
N GLU B 225 -34.43 8.40 -7.47
CA GLU B 225 -34.97 8.45 -8.82
C GLU B 225 -35.58 9.79 -9.22
N ASN B 226 -35.86 10.71 -8.29
CA ASN B 226 -36.49 11.96 -8.71
C ASN B 226 -35.80 13.16 -8.07
N LYS B 227 -35.75 14.23 -8.85
CA LYS B 227 -35.02 15.43 -8.46
C LYS B 227 -35.54 16.02 -7.15
N GLU B 228 -36.85 15.94 -6.93
CA GLU B 228 -37.46 16.61 -5.79
C GLU B 228 -37.04 15.96 -4.48
N PHE B 229 -36.92 14.63 -4.46
CA PHE B 229 -36.47 13.96 -3.25
C PHE B 229 -35.01 14.26 -2.96
N LEU B 230 -34.18 14.43 -3.99
CA LEU B 230 -32.79 14.80 -3.76
C LEU B 230 -32.68 16.16 -3.08
N GLU B 231 -33.51 17.12 -3.50
CA GLU B 231 -33.51 18.42 -2.86
C GLU B 231 -33.93 18.30 -1.40
N HIS B 232 -34.91 17.44 -1.12
CA HIS B 232 -35.29 17.18 0.27
C HIS B 232 -34.11 16.64 1.06
N LEU B 233 -33.39 15.67 0.48
CA LEU B 233 -32.25 15.08 1.18
C LEU B 233 -31.12 16.09 1.37
N GLN B 234 -30.90 16.96 0.38
CA GLN B 234 -29.93 18.05 0.57
C GLN B 234 -30.31 18.91 1.77
N ASN B 235 -31.61 19.19 1.92
CA ASN B 235 -32.07 20.00 3.05
C ASN B 235 -31.77 19.32 4.38
N LEU B 236 -31.75 17.99 4.40
CA LEU B 236 -31.36 17.25 5.59
C LEU B 236 -29.86 17.28 5.81
N GLY B 237 -29.09 17.65 4.80
CA GLY B 237 -27.65 17.74 4.92
C GLY B 237 -26.85 16.75 4.10
N VAL B 238 -27.46 16.11 3.09
CA VAL B 238 -26.70 15.20 2.25
C VAL B 238 -25.79 15.99 1.31
N ASP B 239 -24.55 15.51 1.13
CA ASP B 239 -23.62 16.16 0.20
C ASP B 239 -23.83 15.68 -1.23
N ALA B 240 -23.95 14.37 -1.44
CA ALA B 240 -23.89 13.79 -2.76
C ALA B 240 -24.69 12.49 -2.78
N PHE B 241 -25.00 12.01 -3.98
CA PHE B 241 -25.98 10.95 -4.18
C PHE B 241 -25.41 9.86 -5.07
N LEU B 242 -25.49 8.62 -4.60
CA LEU B 242 -25.01 7.46 -5.34
C LEU B 242 -26.22 6.84 -6.07
N ILE B 243 -26.22 6.92 -7.39
CA ILE B 243 -27.37 6.53 -8.21
C ILE B 243 -26.90 5.59 -9.30
N GLY B 244 -27.52 4.42 -9.37
CA GLY B 244 -27.14 3.46 -10.39
C GLY B 244 -28.31 2.96 -11.23
N GLU B 245 -29.17 2.16 -10.60
CA GLU B 245 -30.20 1.43 -11.32
C GLU B 245 -31.07 2.38 -12.13
N TYR B 246 -31.41 3.55 -11.57
CA TYR B 246 -32.24 4.51 -12.27
C TYR B 246 -31.63 4.90 -13.61
N PHE B 247 -30.33 5.15 -13.64
CA PHE B 247 -29.66 5.50 -14.89
C PHE B 247 -29.57 4.28 -15.82
N MET B 248 -29.19 3.12 -15.27
CA MET B 248 -28.96 1.93 -16.08
C MET B 248 -30.25 1.43 -16.74
N ARG B 249 -31.40 1.61 -16.10
CA ARG B 249 -32.64 1.16 -16.73
C ARG B 249 -33.19 2.16 -17.75
N GLU B 250 -32.63 3.36 -17.80
CA GLU B 250 -32.99 4.33 -18.83
C GLU B 250 -32.23 4.04 -20.12
N LYS B 251 -32.74 4.59 -21.22
CA LYS B 251 -32.06 4.43 -22.51
C LYS B 251 -30.80 5.28 -22.56
N ASP B 252 -30.92 6.56 -22.22
CA ASP B 252 -29.81 7.51 -22.28
C ASP B 252 -29.46 7.89 -20.86
N GLU B 253 -28.47 7.19 -20.29
CA GLU B 253 -28.10 7.44 -18.90
C GLU B 253 -27.57 8.85 -18.70
N GLY B 254 -26.89 9.40 -19.71
CA GLY B 254 -26.36 10.75 -19.57
C GLY B 254 -27.46 11.79 -19.44
N LYS B 255 -28.51 11.68 -20.26
CA LYS B 255 -29.64 12.59 -20.19
C LYS B 255 -30.43 12.40 -18.90
N ALA B 256 -30.55 11.15 -18.41
CA ALA B 256 -31.23 10.94 -17.14
C ALA B 256 -30.45 11.56 -15.99
N LEU B 257 -29.12 11.54 -16.07
CA LEU B 257 -28.32 12.20 -15.04
C LEU B 257 -28.46 13.71 -15.14
N LYS B 258 -28.39 14.26 -16.35
CA LYS B 258 -28.50 15.71 -16.52
C LYS B 258 -29.82 16.23 -15.97
N ALA B 259 -30.90 15.46 -16.11
CA ALA B 259 -32.22 15.91 -15.68
C ALA B 259 -32.33 16.03 -14.17
N LEU B 260 -31.46 15.38 -13.40
CA LEU B 260 -31.49 15.48 -11.95
C LEU B 260 -30.67 16.65 -11.41
N LEU B 261 -29.89 17.33 -12.25
CA LEU B 261 -29.07 18.44 -11.78
C LEU B 261 -29.86 19.74 -11.81
K K C . 17.06 7.32 -16.61
CL CL D . 13.60 6.45 -17.64
P PO4 E . 29.33 -1.98 6.38
O1 PO4 E . 30.08 -1.85 7.69
O2 PO4 E . 29.97 -3.09 5.56
O3 PO4 E . 29.41 -0.69 5.60
O4 PO4 E . 27.88 -2.28 6.66
P PO4 F . -3.87 -11.30 4.41
O1 PO4 F . -3.38 -10.22 5.33
O2 PO4 F . -2.72 -12.20 4.02
O3 PO4 F . -4.49 -10.69 3.17
O4 PO4 F . -4.95 -12.10 5.09
P PO4 G . 34.67 -22.90 11.70
O1 PO4 G . 35.85 -23.35 12.51
O2 PO4 G . 34.54 -23.76 10.46
O3 PO4 G . 34.88 -21.46 11.27
O4 PO4 G . 33.40 -23.01 12.51
P PO4 H . 3.31 -13.05 -1.25
O1 PO4 H . 4.69 -13.69 -1.29
O2 PO4 H . 3.11 -12.21 -2.49
O3 PO4 H . 3.18 -12.18 -0.03
O4 PO4 H . 2.26 -14.14 -1.20
C1 EDO I . 34.29 -4.03 -12.59
O1 EDO I . 35.35 -4.75 -11.95
C2 EDO I . 34.86 -2.92 -13.46
O2 EDO I . 33.81 -2.30 -14.23
C ACT J . 23.58 -15.18 -7.47
O ACT J . 24.29 -14.33 -8.08
OXT ACT J . 23.66 -15.16 -6.22
CH3 ACT J . 22.70 -16.13 -8.22
K K K . -7.05 1.17 -23.85
CL CL L . -3.67 2.03 -22.84
P PO4 M . 0.29 8.36 9.52
O1 PO4 M . 0.83 8.87 10.83
O2 PO4 M . 1.48 8.14 8.62
O3 PO4 M . -0.62 9.39 8.90
O4 PO4 M . -0.48 7.08 9.73
P PO4 N . -29.23 2.10 -6.99
O1 PO4 N . -28.14 1.92 -5.94
O2 PO4 N . -29.29 3.54 -7.43
O3 PO4 N . -28.89 1.19 -8.14
O4 PO4 N . -30.57 1.72 -6.38
P PO4 O . -20.94 -13.87 -17.70
O1 PO4 O . -19.97 -14.10 -16.58
O2 PO4 O . -20.18 -13.84 -19.01
O3 PO4 O . -21.65 -12.54 -17.49
O4 PO4 O . -21.94 -14.99 -17.69
P PO4 P . -3.80 12.49 2.36
O1 PO4 P . -2.94 13.42 3.21
O2 PO4 P . -3.07 12.17 1.08
O3 PO4 P . -5.11 13.20 2.05
O4 PO4 P . -4.08 11.22 3.12
P PO4 Q . -8.60 18.56 -8.06
O1 PO4 Q . -7.49 18.58 -7.03
O2 PO4 Q . -8.04 18.83 -9.42
O3 PO4 Q . -9.60 19.64 -7.72
O4 PO4 Q . -9.29 17.22 -8.03
C ACT R . 20.55 4.43 20.24
O ACT R . 21.27 5.36 19.82
OXT ACT R . 19.31 4.66 20.23
CH3 ACT R . 21.08 3.13 20.74
C ACT S . -27.51 -2.78 -4.88
O ACT S . -26.95 -1.66 -4.90
OXT ACT S . -28.27 -3.06 -5.84
CH3 ACT S . -27.28 -3.75 -3.77
C FMT T . -6.99 -9.18 6.71
O1 FMT T . -7.60 -8.12 6.87
O2 FMT T . -7.55 -10.26 6.50
#